data_3NC2
#
_entry.id   3NC2
#
_cell.length_a   83.479
_cell.length_b   85.144
_cell.length_c   137.216
_cell.angle_alpha   90.00
_cell.angle_beta   90.00
_cell.angle_gamma   90.00
#
_symmetry.space_group_name_H-M   'P 21 21 21'
#
loop_
_entity.id
_entity.type
_entity.pdbx_description
1 polymer Ketohexokinase
2 non-polymer quinazoline
3 non-polymer 'SULFATE ION'
4 water water
#
_entity_poly.entity_id   1
_entity_poly.type   'polypeptide(L)'
_entity_poly.pdbx_seq_one_letter_code
;MGSSHHHHHHSSGLVPRGSQILCVGLVVLDVISLVDKYPKEDSEIRCLSQRWQRGGNASNSCTVLSLLGAPCAFMGSMAP
GHVADFLVADFRRRGVDVSQVAWQSKGDTPSSCCIINNSNGNRTIVLHDTSLPDVSATDFEKVDLTQFKWIHIEGRNASE
QVKMLQRIDAHNTRQPPEQKIRVSVEVEKPREELFQLFGYGDVVFVSKDVAKHLGFQSAEEALRGLYGRVRKGAVLVCAW
AEEGADALGPDGKLLHSDAFPPPRVVDTLGAGDTFNASVIFSLSQGRSVQEALRFGCQVAGKKCGLQGFDGIV
;
_entity_poly.pdbx_strand_id   A,B
#
# COMPACT_ATOMS: atom_id res chain seq x y z
N GLY A 18 2.23 -35.14 -19.42
CA GLY A 18 1.23 -34.12 -19.13
C GLY A 18 0.73 -34.19 -17.69
N SER A 19 1.49 -33.62 -16.77
CA SER A 19 1.18 -33.73 -15.35
C SER A 19 0.89 -32.39 -14.68
N GLN A 20 1.30 -31.29 -15.32
CA GLN A 20 1.15 -29.95 -14.77
C GLN A 20 -0.13 -29.24 -15.22
N ILE A 21 -0.61 -28.30 -14.41
CA ILE A 21 -1.71 -27.44 -14.78
C ILE A 21 -1.18 -26.02 -14.93
N LEU A 22 -1.49 -25.39 -16.05
CA LEU A 22 -0.98 -24.06 -16.37
C LEU A 22 -2.08 -23.00 -16.34
N CYS A 23 -1.88 -21.97 -15.52
CA CYS A 23 -2.75 -20.79 -15.56
C CYS A 23 -2.06 -19.58 -16.18
N VAL A 24 -2.80 -18.90 -17.05
CA VAL A 24 -2.29 -17.79 -17.82
C VAL A 24 -3.07 -16.53 -17.48
N GLY A 25 -2.44 -15.62 -16.76
CA GLY A 25 -3.08 -14.35 -16.41
C GLY A 25 -2.12 -13.39 -15.71
N LEU A 26 -2.65 -12.64 -14.74
CA LEU A 26 -1.90 -11.62 -14.04
C LEU A 26 -1.29 -12.07 -12.72
N VAL A 27 -0.21 -11.39 -12.35
CA VAL A 27 0.27 -11.42 -10.97
C VAL A 27 0.38 -9.97 -10.53
N VAL A 28 -0.03 -9.68 -9.31
CA VAL A 28 -0.09 -8.30 -8.84
C VAL A 28 0.24 -8.27 -7.37
N LEU A 29 0.97 -7.24 -6.96
CA LEU A 29 1.18 -7.02 -5.54
C LEU A 29 -0.09 -6.44 -4.92
N ASP A 30 -0.71 -7.20 -4.02
CA ASP A 30 -1.86 -6.71 -3.27
C ASP A 30 -1.42 -6.14 -1.93
N VAL A 31 -1.56 -4.82 -1.81
CA VAL A 31 -1.26 -4.13 -0.56
C VAL A 31 -2.54 -4.02 0.27
N ILE A 32 -2.64 -4.83 1.31
CA ILE A 32 -3.91 -5.06 1.97
C ILE A 32 -4.04 -4.32 3.28
N SER A 33 -5.18 -3.65 3.46
CA SER A 33 -5.52 -3.06 4.75
C SER A 33 -6.82 -3.64 5.27
N LEU A 34 -6.79 -4.11 6.51
CA LEU A 34 -7.96 -4.69 7.15
C LEU A 34 -8.57 -3.66 8.08
N VAL A 35 -9.84 -3.35 7.84
CA VAL A 35 -10.54 -2.29 8.59
C VAL A 35 -11.80 -2.79 9.30
N ASP A 36 -12.22 -2.06 10.34
CA ASP A 36 -13.46 -2.36 11.06
C ASP A 36 -14.68 -2.17 10.19
N LYS A 37 -14.64 -1.14 9.36
CA LYS A 37 -15.77 -0.75 8.50
C LYS A 37 -15.31 0.06 7.29
N TYR A 38 -16.04 -0.08 6.19
CA TYR A 38 -15.71 0.64 4.97
C TYR A 38 -15.67 2.12 5.27
N PRO A 39 -14.58 2.80 4.85
CA PRO A 39 -14.39 4.23 5.14
C PRO A 39 -15.41 5.07 4.40
N LYS A 40 -15.94 6.10 5.04
CA LYS A 40 -16.81 7.03 4.33
C LYS A 40 -15.96 8.01 3.50
N GLU A 41 -16.52 8.45 2.37
CA GLU A 41 -15.87 9.46 1.54
C GLU A 41 -15.35 10.57 2.44
N ASP A 42 -14.08 10.92 2.28
CA ASP A 42 -13.53 12.09 2.94
C ASP A 42 -13.04 11.83 4.37
N SER A 43 -13.35 10.66 4.94
CA SER A 43 -12.93 10.35 6.31
C SER A 43 -11.48 9.87 6.44
N GLU A 44 -11.06 9.68 7.69
CA GLU A 44 -9.70 9.24 7.99
C GLU A 44 -9.74 8.24 9.15
N ILE A 45 -9.68 6.96 8.82
CA ILE A 45 -9.80 5.89 9.80
C ILE A 45 -8.47 5.15 9.90
N ARG A 46 -8.16 4.65 11.09
CA ARG A 46 -6.96 3.83 11.30
C ARG A 46 -7.33 2.37 11.08
N CYS A 47 -6.45 1.61 10.44
CA CYS A 47 -6.74 0.20 10.13
C CYS A 47 -6.25 -0.77 11.22
N LEU A 48 -6.87 -1.95 11.25
CA LEU A 48 -6.56 -2.98 12.23
C LEU A 48 -5.21 -3.66 11.98
N SER A 49 -4.97 -4.06 10.73
CA SER A 49 -3.68 -4.64 10.33
C SER A 49 -3.45 -4.52 8.82
N GLN A 50 -2.27 -4.95 8.40
CA GLN A 50 -1.81 -4.77 7.04
C GLN A 50 -0.94 -5.94 6.61
N ARG A 51 -0.98 -6.26 5.32
CA ARG A 51 -0.06 -7.26 4.78
C ARG A 51 0.15 -7.04 3.30
N TRP A 52 1.26 -7.58 2.80
CA TRP A 52 1.47 -7.76 1.38
C TRP A 52 1.06 -9.17 0.98
N GLN A 53 0.45 -9.30 -0.18
CA GLN A 53 0.05 -10.60 -0.65
C GLN A 53 0.23 -10.67 -2.17
N ARG A 54 0.65 -11.84 -2.65
CA ARG A 54 0.72 -12.07 -4.09
C ARG A 54 -0.69 -12.24 -4.67
N GLY A 55 -1.07 -11.34 -5.55
CA GLY A 55 -2.42 -11.34 -6.09
C GLY A 55 -2.45 -11.66 -7.55
N GLY A 56 -3.51 -11.26 -8.22
CA GLY A 56 -3.71 -11.62 -9.62
C GLY A 56 -4.48 -12.92 -9.73
N ASN A 57 -5.60 -12.86 -10.44
CA ASN A 57 -6.45 -14.02 -10.66
C ASN A 57 -5.73 -15.34 -10.89
N ALA A 58 -4.89 -15.39 -11.92
CA ALA A 58 -4.25 -16.65 -12.27
C ALA A 58 -3.22 -17.03 -11.21
N SER A 59 -2.64 -16.02 -10.60
CA SER A 59 -1.66 -16.23 -9.53
C SER A 59 -2.30 -16.85 -8.28
N ASN A 60 -3.48 -16.35 -7.89
CA ASN A 60 -4.21 -16.93 -6.77
C ASN A 60 -4.62 -18.36 -7.03
N SER A 61 -5.18 -18.61 -8.22
CA SER A 61 -5.54 -19.97 -8.61
C SER A 61 -4.35 -20.93 -8.50
N CYS A 62 -3.16 -20.48 -8.92
CA CYS A 62 -1.95 -21.31 -8.80
C CYS A 62 -1.65 -21.62 -7.33
N THR A 63 -1.85 -20.63 -6.47
CA THR A 63 -1.64 -20.82 -5.05
C THR A 63 -2.52 -21.95 -4.57
N VAL A 64 -3.78 -21.89 -4.99
CA VAL A 64 -4.79 -22.82 -4.51
C VAL A 64 -4.54 -24.22 -5.02
N LEU A 65 -4.26 -24.31 -6.32
CA LEU A 65 -3.92 -25.58 -6.97
C LEU A 65 -2.76 -26.22 -6.23
N SER A 66 -1.69 -25.44 -6.09
CA SER A 66 -0.55 -25.85 -5.29
C SER A 66 -0.97 -26.47 -3.96
N LEU A 67 -1.72 -25.72 -3.17
CA LEU A 67 -2.16 -26.16 -1.85
C LEU A 67 -3.02 -27.43 -1.93
N LEU A 68 -3.68 -27.62 -3.05
CA LEU A 68 -4.49 -28.83 -3.24
C LEU A 68 -3.64 -30.04 -3.63
N GLY A 69 -2.37 -29.80 -3.97
CA GLY A 69 -1.44 -30.86 -4.30
C GLY A 69 -1.26 -31.09 -5.80
N ALA A 70 -1.79 -30.18 -6.61
CA ALA A 70 -1.64 -30.28 -8.07
C ALA A 70 -0.45 -29.50 -8.56
N PRO A 71 0.55 -30.21 -9.13
CA PRO A 71 1.69 -29.54 -9.77
C PRO A 71 1.15 -28.58 -10.82
N CYS A 72 1.62 -27.33 -10.78
CA CYS A 72 1.05 -26.29 -11.62
C CYS A 72 2.09 -25.23 -11.97
N ALA A 73 1.80 -24.42 -12.97
CA ALA A 73 2.73 -23.41 -13.42
C ALA A 73 2.00 -22.13 -13.79
N PHE A 74 2.67 -21.01 -13.57
CA PHE A 74 2.11 -19.71 -13.91
C PHE A 74 2.73 -19.13 -15.17
N MET A 75 1.91 -18.48 -15.98
CA MET A 75 2.42 -17.74 -17.11
C MET A 75 1.84 -16.34 -17.14
N GLY A 76 2.70 -15.34 -17.04
CA GLY A 76 2.27 -13.96 -17.22
C GLY A 76 3.44 -13.01 -17.25
N SER A 77 3.14 -11.73 -17.47
CA SER A 77 4.19 -10.71 -17.51
C SER A 77 4.67 -10.26 -16.14
N MET A 78 5.96 -9.96 -16.07
CA MET A 78 6.58 -9.48 -14.85
C MET A 78 7.77 -8.58 -15.23
N ALA A 79 7.88 -7.42 -14.58
CA ALA A 79 9.06 -6.57 -14.75
C ALA A 79 10.04 -6.80 -13.62
N PRO A 80 11.34 -6.91 -13.94
CA PRO A 80 12.32 -7.18 -12.88
C PRO A 80 12.35 -6.07 -11.83
N GLY A 81 12.47 -6.45 -10.58
CA GLY A 81 12.49 -5.48 -9.51
C GLY A 81 12.39 -6.15 -8.15
N HIS A 82 12.31 -5.35 -7.10
CA HIS A 82 12.22 -5.87 -5.76
C HIS A 82 10.82 -6.44 -5.50
N VAL A 83 9.84 -5.86 -6.19
CA VAL A 83 8.48 -6.36 -6.15
C VAL A 83 8.52 -7.75 -6.74
N ALA A 84 8.88 -7.82 -8.02
CA ALA A 84 9.04 -9.07 -8.72
C ALA A 84 9.76 -10.08 -7.84
N ASP A 85 10.84 -9.63 -7.20
CA ASP A 85 11.60 -10.50 -6.32
C ASP A 85 10.72 -11.10 -5.22
N PHE A 86 9.84 -10.27 -4.67
CA PHE A 86 8.93 -10.74 -3.63
C PHE A 86 7.86 -11.66 -4.19
N LEU A 87 7.31 -11.31 -5.35
CA LEU A 87 6.33 -12.16 -6.01
C LEU A 87 6.90 -13.55 -6.33
N VAL A 88 7.99 -13.57 -7.09
CA VAL A 88 8.67 -14.81 -7.48
C VAL A 88 9.00 -15.68 -6.27
N ALA A 89 9.47 -15.06 -5.20
CA ALA A 89 9.84 -15.80 -4.01
C ALA A 89 8.62 -16.47 -3.41
N ASP A 90 7.46 -15.85 -3.58
CA ASP A 90 6.23 -16.42 -3.05
C ASP A 90 5.82 -17.64 -3.88
N PHE A 91 5.78 -17.46 -5.19
CA PHE A 91 5.53 -18.54 -6.14
C PHE A 91 6.33 -19.81 -5.77
N ARG A 92 7.60 -19.63 -5.46
CA ARG A 92 8.49 -20.77 -5.17
C ARG A 92 8.23 -21.39 -3.80
N ARG A 93 7.89 -20.57 -2.81
CA ARG A 93 7.49 -21.11 -1.51
C ARG A 93 6.32 -22.06 -1.72
N ARG A 94 5.56 -21.83 -2.78
CA ARG A 94 4.36 -22.59 -3.03
C ARG A 94 4.62 -23.70 -4.06
N GLY A 95 5.84 -23.76 -4.56
CA GLY A 95 6.20 -24.73 -5.57
C GLY A 95 5.53 -24.46 -6.90
N VAL A 96 5.22 -23.21 -7.18
CA VAL A 96 4.63 -22.88 -8.47
C VAL A 96 5.74 -22.63 -9.48
N ASP A 97 5.65 -23.32 -10.62
CA ASP A 97 6.64 -23.17 -11.68
C ASP A 97 6.52 -21.82 -12.34
N VAL A 98 7.62 -21.08 -12.31
CA VAL A 98 7.67 -19.72 -12.83
C VAL A 98 8.40 -19.73 -14.16
N SER A 99 8.80 -20.92 -14.59
CA SER A 99 9.65 -21.08 -15.77
C SER A 99 9.09 -20.36 -16.99
N GLN A 100 7.77 -20.31 -17.08
CA GLN A 100 7.11 -19.80 -18.27
C GLN A 100 6.84 -18.28 -18.28
N VAL A 101 7.32 -17.56 -17.27
CA VAL A 101 7.00 -16.13 -17.20
C VAL A 101 7.63 -15.31 -18.32
N ALA A 102 6.90 -14.30 -18.79
CA ALA A 102 7.41 -13.38 -19.81
C ALA A 102 7.90 -12.08 -19.18
N TRP A 103 9.18 -12.03 -18.86
CA TRP A 103 9.77 -10.82 -18.30
C TRP A 103 9.81 -9.65 -19.29
N GLN A 104 9.49 -8.46 -18.81
CA GLN A 104 9.53 -7.26 -19.62
C GLN A 104 10.71 -6.37 -19.26
N SER A 105 10.77 -5.22 -19.92
CA SER A 105 11.76 -4.20 -19.61
C SER A 105 10.99 -2.90 -19.35
N LYS A 106 10.13 -2.55 -20.30
CA LYS A 106 9.23 -1.41 -20.17
C LYS A 106 8.09 -1.72 -19.21
N GLY A 107 7.67 -0.73 -18.43
CA GLY A 107 6.62 -0.91 -17.44
C GLY A 107 7.11 -1.52 -16.13
N ASP A 108 6.32 -1.34 -15.07
CA ASP A 108 6.61 -1.95 -13.78
C ASP A 108 5.50 -2.92 -13.42
N THR A 109 5.68 -3.70 -12.35
CA THR A 109 4.66 -4.66 -11.96
C THR A 109 3.45 -3.91 -11.41
N PRO A 110 2.24 -4.36 -11.76
CA PRO A 110 1.03 -3.75 -11.23
C PRO A 110 0.93 -3.97 -9.73
N SER A 111 0.25 -3.05 -9.06
CA SER A 111 -0.03 -3.22 -7.64
C SER A 111 -1.38 -2.60 -7.35
N SER A 112 -1.95 -2.98 -6.21
CA SER A 112 -3.23 -2.41 -5.81
C SER A 112 -3.38 -2.30 -4.32
N CYS A 113 -4.23 -1.37 -3.92
CA CYS A 113 -4.62 -1.22 -2.54
C CYS A 113 -5.93 -1.92 -2.36
N CYS A 114 -5.93 -2.89 -1.47
CA CYS A 114 -7.14 -3.63 -1.21
C CYS A 114 -7.55 -3.33 0.21
N ILE A 115 -8.81 -2.93 0.35
CA ILE A 115 -9.38 -2.77 1.66
C ILE A 115 -10.29 -3.95 1.95
N ILE A 116 -10.04 -4.58 3.09
CA ILE A 116 -10.86 -5.71 3.49
C ILE A 116 -11.64 -5.33 4.74
N ASN A 117 -12.96 -5.30 4.59
CA ASN A 117 -13.86 -4.94 5.68
C ASN A 117 -14.02 -6.14 6.58
N ASN A 118 -13.47 -6.08 7.78
CA ASN A 118 -13.44 -7.27 8.61
C ASN A 118 -14.80 -7.62 9.18
N SER A 119 -15.77 -6.72 9.02
CA SER A 119 -17.09 -6.94 9.56
C SER A 119 -17.97 -7.72 8.58
N ASN A 120 -17.44 -8.03 7.40
CA ASN A 120 -18.22 -8.81 6.44
C ASN A 120 -17.36 -9.43 5.32
N GLY A 121 -16.05 -9.39 5.50
CA GLY A 121 -15.13 -9.91 4.51
C GLY A 121 -15.20 -9.27 3.14
N ASN A 122 -16.01 -8.23 2.96
CA ASN A 122 -16.01 -7.50 1.69
C ASN A 122 -14.62 -7.02 1.35
N ARG A 123 -14.26 -7.03 0.07
CA ARG A 123 -12.96 -6.54 -0.37
C ARG A 123 -13.17 -5.52 -1.48
N THR A 124 -12.50 -4.37 -1.35
CA THR A 124 -12.57 -3.29 -2.34
C THR A 124 -11.19 -3.04 -2.91
N ILE A 125 -11.06 -3.12 -4.22
CA ILE A 125 -9.76 -3.06 -4.87
C ILE A 125 -9.56 -1.87 -5.78
N VAL A 126 -8.54 -1.06 -5.48
CA VAL A 126 -8.10 -0.02 -6.40
C VAL A 126 -6.80 -0.50 -7.04
N LEU A 127 -6.82 -0.71 -8.35
CA LEU A 127 -5.71 -1.36 -9.02
C LEU A 127 -4.90 -0.38 -9.85
N HIS A 128 -3.59 -0.38 -9.60
CA HIS A 128 -2.68 0.40 -10.40
C HIS A 128 -2.20 -0.51 -11.50
N ASP A 129 -2.87 -0.44 -12.64
CA ASP A 129 -2.47 -1.27 -13.77
C ASP A 129 -1.40 -0.54 -14.55
N THR A 130 -0.17 -0.98 -14.37
CA THR A 130 0.95 -0.44 -15.11
C THR A 130 0.67 -0.66 -16.59
N SER A 131 1.48 -0.09 -17.46
CA SER A 131 1.31 -0.31 -18.89
C SER A 131 1.76 -1.72 -19.26
N LEU A 132 2.79 -2.20 -18.56
CA LEU A 132 3.39 -3.53 -18.78
C LEU A 132 2.67 -4.39 -19.83
N PRO A 133 3.40 -4.83 -20.86
CA PRO A 133 2.84 -5.58 -22.00
C PRO A 133 2.25 -6.91 -21.56
N ASP A 134 1.10 -7.27 -22.13
CA ASP A 134 0.46 -8.54 -21.80
C ASP A 134 1.17 -9.70 -22.50
N VAL A 135 0.99 -10.90 -21.98
CA VAL A 135 1.47 -12.11 -22.66
C VAL A 135 0.86 -12.18 -24.05
N SER A 136 1.63 -12.64 -25.02
CA SER A 136 1.22 -12.58 -26.42
C SER A 136 1.17 -13.95 -27.09
N ALA A 137 0.44 -14.03 -28.19
CA ALA A 137 0.45 -15.23 -29.01
C ALA A 137 1.89 -15.67 -29.27
N THR A 138 2.73 -14.70 -29.61
CA THR A 138 4.16 -14.94 -29.80
C THR A 138 4.75 -15.72 -28.65
N ASP A 139 4.60 -15.16 -27.44
CA ASP A 139 5.13 -15.77 -26.24
C ASP A 139 4.57 -17.17 -26.07
N PHE A 140 3.30 -17.33 -26.39
CA PHE A 140 2.61 -18.59 -26.14
C PHE A 140 3.08 -19.70 -27.07
N GLU A 141 3.13 -19.42 -28.36
CA GLU A 141 3.57 -20.40 -29.37
C GLU A 141 4.87 -21.11 -28.98
N LYS A 142 5.56 -20.58 -27.97
CA LYS A 142 6.89 -21.02 -27.59
C LYS A 142 6.90 -21.97 -26.39
N VAL A 143 5.73 -22.52 -26.05
CA VAL A 143 5.59 -23.30 -24.82
C VAL A 143 5.35 -24.81 -25.08
N ASP A 144 6.06 -25.65 -24.33
CA ASP A 144 5.94 -27.10 -24.51
C ASP A 144 4.67 -27.65 -23.88
N LEU A 145 3.63 -27.75 -24.71
CA LEU A 145 2.31 -28.17 -24.25
C LEU A 145 2.26 -29.63 -23.78
N THR A 146 3.36 -30.36 -23.93
CA THR A 146 3.37 -31.77 -23.58
C THR A 146 3.35 -32.03 -22.08
N GLN A 147 3.87 -31.08 -21.31
CA GLN A 147 3.92 -31.21 -19.84
C GLN A 147 2.57 -30.92 -19.16
N PHE A 148 1.60 -30.40 -19.92
CA PHE A 148 0.37 -29.85 -19.33
C PHE A 148 -0.88 -30.70 -19.50
N LYS A 149 -1.48 -31.07 -18.37
CA LYS A 149 -2.75 -31.79 -18.36
C LYS A 149 -3.95 -30.86 -18.60
N TRP A 150 -3.85 -29.64 -18.06
CA TRP A 150 -4.95 -28.67 -18.11
C TRP A 150 -4.36 -27.29 -18.36
N ILE A 151 -5.06 -26.45 -19.11
CA ILE A 151 -4.65 -25.05 -19.29
C ILE A 151 -5.82 -24.09 -19.12
N HIS A 152 -5.74 -23.29 -18.05
CA HIS A 152 -6.74 -22.25 -17.73
C HIS A 152 -6.26 -20.85 -18.13
N ILE A 153 -7.09 -20.15 -18.90
CA ILE A 153 -6.76 -18.81 -19.37
C ILE A 153 -7.70 -17.73 -18.84
N GLU A 154 -7.09 -16.76 -18.14
CA GLU A 154 -7.79 -15.65 -17.53
C GLU A 154 -7.99 -14.53 -18.54
N GLY A 155 -9.22 -14.35 -19.02
CA GLY A 155 -9.54 -13.34 -20.01
C GLY A 155 -8.92 -11.98 -19.75
N ARG A 156 -8.34 -11.37 -20.78
CA ARG A 156 -7.54 -10.17 -20.61
C ARG A 156 -7.45 -9.45 -21.96
N ASN A 157 -6.49 -9.88 -22.77
CA ASN A 157 -6.35 -9.42 -24.15
C ASN A 157 -6.98 -10.44 -25.11
N ALA A 158 -8.27 -10.29 -25.38
CA ALA A 158 -9.04 -11.30 -26.10
C ALA A 158 -8.48 -11.62 -27.50
N SER A 159 -8.20 -10.58 -28.27
CA SER A 159 -7.67 -10.74 -29.63
C SER A 159 -6.55 -11.78 -29.72
N GLU A 160 -5.60 -11.73 -28.79
CA GLU A 160 -4.43 -12.61 -28.83
C GLU A 160 -4.60 -13.91 -28.06
N GLN A 161 -5.55 -13.94 -27.14
CA GLN A 161 -5.80 -15.15 -26.36
C GLN A 161 -6.57 -16.19 -27.18
N VAL A 162 -7.45 -15.71 -28.06
CA VAL A 162 -8.14 -16.59 -29.02
C VAL A 162 -7.11 -17.36 -29.83
N LYS A 163 -6.01 -16.69 -30.14
CA LYS A 163 -4.91 -17.29 -30.89
C LYS A 163 -4.27 -18.44 -30.10
N MET A 164 -4.04 -18.22 -28.81
CA MET A 164 -3.47 -19.22 -27.92
C MET A 164 -4.40 -20.43 -27.81
N LEU A 165 -5.69 -20.17 -27.90
CA LEU A 165 -6.70 -21.23 -27.80
C LEU A 165 -6.67 -22.13 -29.03
N GLN A 166 -6.88 -21.53 -30.20
CA GLN A 166 -6.72 -22.24 -31.47
C GLN A 166 -5.44 -23.07 -31.49
N ARG A 167 -4.37 -22.55 -30.88
CA ARG A 167 -3.13 -23.31 -30.78
C ARG A 167 -3.39 -24.62 -30.05
N ILE A 168 -3.98 -24.53 -28.86
CA ILE A 168 -4.16 -25.73 -28.05
C ILE A 168 -5.05 -26.78 -28.73
N ASP A 169 -6.12 -26.33 -29.40
CA ASP A 169 -6.99 -27.23 -30.13
C ASP A 169 -6.25 -27.94 -31.25
N ALA A 170 -5.49 -27.16 -32.03
CA ALA A 170 -4.65 -27.68 -33.11
C ALA A 170 -3.82 -28.84 -32.59
N HIS A 171 -3.09 -28.59 -31.51
CA HIS A 171 -2.32 -29.62 -30.82
C HIS A 171 -3.22 -30.80 -30.47
N ASN A 172 -4.43 -30.50 -30.02
CA ASN A 172 -5.36 -31.54 -29.59
C ASN A 172 -5.80 -32.47 -30.72
N THR A 173 -6.06 -31.89 -31.88
CA THR A 173 -6.52 -32.67 -33.03
C THR A 173 -5.50 -33.75 -33.40
N ARG A 174 -4.26 -33.58 -32.97
CA ARG A 174 -3.19 -34.53 -33.24
C ARG A 174 -3.04 -35.66 -32.21
N GLN A 175 -3.67 -35.53 -31.05
CA GLN A 175 -3.48 -36.51 -29.98
C GLN A 175 -4.72 -37.38 -29.79
N PRO A 176 -4.58 -38.51 -29.06
CA PRO A 176 -5.72 -39.38 -28.76
C PRO A 176 -6.68 -38.70 -27.77
N PRO A 177 -7.93 -39.19 -27.66
CA PRO A 177 -8.79 -38.71 -26.58
C PRO A 177 -8.09 -38.87 -25.24
N GLU A 178 -7.14 -39.81 -25.20
CA GLU A 178 -6.39 -40.14 -23.99
C GLU A 178 -5.41 -39.03 -23.62
N GLN A 179 -4.96 -38.28 -24.62
CA GLN A 179 -3.88 -37.32 -24.42
C GLN A 179 -4.26 -35.89 -24.81
N LYS A 180 -5.54 -35.54 -24.69
CA LYS A 180 -5.92 -34.16 -25.01
C LYS A 180 -5.73 -33.20 -23.82
N ILE A 181 -5.47 -31.94 -24.14
CA ILE A 181 -5.26 -30.92 -23.13
C ILE A 181 -6.58 -30.23 -22.83
N ARG A 182 -7.08 -30.42 -21.62
CA ARG A 182 -8.37 -29.82 -21.24
C ARG A 182 -8.18 -28.32 -21.00
N VAL A 183 -9.18 -27.53 -21.38
CA VAL A 183 -9.05 -26.08 -21.38
C VAL A 183 -10.20 -25.34 -20.67
N SER A 184 -9.83 -24.34 -19.88
CA SER A 184 -10.82 -23.48 -19.23
C SER A 184 -10.54 -21.99 -19.49
N VAL A 185 -11.62 -21.22 -19.54
CA VAL A 185 -11.56 -19.78 -19.77
C VAL A 185 -12.31 -19.06 -18.63
N GLU A 186 -11.76 -17.92 -18.18
CA GLU A 186 -12.46 -17.05 -17.25
C GLU A 186 -12.84 -15.70 -17.90
N VAL A 187 -14.10 -15.30 -17.78
CA VAL A 187 -14.56 -14.01 -18.27
C VAL A 187 -15.08 -13.20 -17.08
N GLU A 188 -14.22 -12.39 -16.48
CA GLU A 188 -14.55 -11.74 -15.21
C GLU A 188 -14.99 -10.26 -15.29
N LYS A 189 -14.45 -9.51 -16.24
CA LYS A 189 -14.81 -8.10 -16.34
C LYS A 189 -15.84 -7.87 -17.44
N PRO A 190 -16.83 -7.02 -17.16
CA PRO A 190 -17.93 -6.73 -18.09
C PRO A 190 -17.36 -5.93 -19.26
N ARG A 191 -16.80 -6.64 -20.23
CA ARG A 191 -15.96 -6.00 -21.23
C ARG A 191 -16.08 -6.75 -22.56
N GLU A 192 -16.58 -6.04 -23.57
CA GLU A 192 -16.95 -6.66 -24.84
C GLU A 192 -15.85 -7.46 -25.53
N GLU A 193 -14.62 -6.94 -25.56
CA GLU A 193 -13.53 -7.64 -26.25
C GLU A 193 -13.51 -9.11 -25.83
N LEU A 194 -13.80 -9.33 -24.54
CA LEU A 194 -13.69 -10.65 -23.91
C LEU A 194 -14.80 -11.61 -24.30
N PHE A 195 -15.98 -11.08 -24.61
CA PHE A 195 -17.17 -11.88 -24.83
C PHE A 195 -17.07 -12.85 -26.02
N GLN A 196 -15.92 -12.88 -26.67
CA GLN A 196 -15.68 -13.83 -27.74
C GLN A 196 -14.96 -15.04 -27.16
N LEU A 197 -14.51 -14.91 -25.92
CA LEU A 197 -13.79 -15.99 -25.26
C LEU A 197 -14.73 -17.10 -24.80
N PHE A 198 -16.03 -16.78 -24.77
CA PHE A 198 -17.08 -17.76 -24.46
C PHE A 198 -17.03 -18.92 -25.42
N GLY A 199 -16.43 -18.70 -26.58
CA GLY A 199 -16.44 -19.68 -27.65
C GLY A 199 -15.30 -20.67 -27.61
N TYR A 200 -14.54 -20.68 -26.52
CA TYR A 200 -13.44 -21.63 -26.41
C TYR A 200 -13.42 -22.29 -25.04
N GLY A 201 -12.73 -23.41 -24.96
CA GLY A 201 -12.54 -24.11 -23.70
C GLY A 201 -13.60 -25.15 -23.42
N ASP A 202 -13.18 -26.21 -22.76
CA ASP A 202 -14.11 -27.21 -22.27
C ASP A 202 -15.00 -26.67 -21.14
N VAL A 203 -14.40 -25.87 -20.27
CA VAL A 203 -15.11 -25.24 -19.16
C VAL A 203 -14.96 -23.72 -19.20
N VAL A 204 -16.08 -23.00 -19.16
CA VAL A 204 -16.09 -21.55 -19.24
C VAL A 204 -16.65 -20.91 -17.97
N PHE A 205 -15.81 -20.13 -17.29
CA PHE A 205 -16.22 -19.44 -16.06
C PHE A 205 -16.66 -18.02 -16.33
N VAL A 206 -17.91 -17.71 -16.01
CA VAL A 206 -18.38 -16.33 -16.12
C VAL A 206 -18.79 -15.80 -14.74
N SER A 207 -18.26 -14.62 -14.39
CA SER A 207 -18.50 -14.03 -13.08
C SER A 207 -19.90 -13.48 -12.93
N LYS A 208 -20.36 -13.40 -11.69
CA LYS A 208 -21.61 -12.74 -11.37
C LYS A 208 -21.65 -11.34 -11.96
N ASP A 209 -20.55 -10.61 -11.80
CA ASP A 209 -20.49 -9.22 -12.24
C ASP A 209 -20.79 -9.08 -13.73
N VAL A 210 -20.12 -9.88 -14.54
CA VAL A 210 -20.40 -9.94 -15.97
C VAL A 210 -21.87 -10.30 -16.19
N ALA A 211 -22.35 -11.29 -15.44
CA ALA A 211 -23.70 -11.79 -15.60
C ALA A 211 -24.72 -10.66 -15.47
N LYS A 212 -24.62 -9.90 -14.39
CA LYS A 212 -25.46 -8.73 -14.15
C LYS A 212 -25.32 -7.63 -15.22
N HIS A 213 -24.08 -7.25 -15.54
CA HIS A 213 -23.87 -6.20 -16.55
C HIS A 213 -24.48 -6.57 -17.90
N LEU A 214 -24.93 -7.81 -18.02
CA LEU A 214 -25.52 -8.30 -19.26
C LEU A 214 -27.03 -8.49 -19.10
N GLY A 215 -27.56 -8.05 -17.95
CA GLY A 215 -29.00 -8.04 -17.71
C GLY A 215 -29.56 -9.14 -16.83
N PHE A 216 -28.74 -10.16 -16.57
CA PHE A 216 -29.21 -11.35 -15.88
C PHE A 216 -29.18 -11.23 -14.36
N GLN A 217 -30.23 -11.73 -13.72
CA GLN A 217 -30.49 -11.50 -12.29
C GLN A 217 -30.03 -12.61 -11.34
N SER A 218 -29.87 -13.82 -11.87
CA SER A 218 -29.44 -14.98 -11.09
C SER A 218 -28.46 -15.78 -11.91
N ALA A 219 -27.94 -16.86 -11.32
CA ALA A 219 -26.99 -17.70 -12.05
C ALA A 219 -27.70 -18.57 -13.09
N GLU A 220 -28.87 -19.10 -12.74
CA GLU A 220 -29.62 -19.96 -13.67
C GLU A 220 -30.05 -19.21 -14.92
N GLU A 221 -30.38 -17.94 -14.74
CA GLU A 221 -30.83 -17.09 -15.81
C GLU A 221 -29.63 -16.72 -16.69
N ALA A 222 -28.51 -16.45 -16.03
CA ALA A 222 -27.27 -16.16 -16.72
C ALA A 222 -26.81 -17.36 -17.56
N LEU A 223 -27.05 -18.57 -17.07
CA LEU A 223 -26.63 -19.77 -17.79
C LEU A 223 -27.54 -20.13 -18.97
N ARG A 224 -28.85 -20.05 -18.76
CA ARG A 224 -29.80 -20.35 -19.82
C ARG A 224 -29.62 -19.28 -20.90
N GLY A 225 -29.29 -18.08 -20.46
CA GLY A 225 -29.13 -16.95 -21.34
C GLY A 225 -27.80 -16.87 -22.06
N LEU A 226 -26.78 -17.59 -21.58
CA LEU A 226 -25.46 -17.47 -22.21
C LEU A 226 -24.95 -18.75 -22.87
N TYR A 227 -25.69 -19.84 -22.76
CA TYR A 227 -25.16 -21.13 -23.22
C TYR A 227 -24.95 -21.15 -24.72
N GLY A 228 -25.78 -20.39 -25.43
CA GLY A 228 -25.67 -20.24 -26.87
C GLY A 228 -24.28 -19.82 -27.33
N ARG A 229 -23.53 -19.18 -26.45
CA ARG A 229 -22.23 -18.62 -26.81
C ARG A 229 -21.08 -19.61 -26.72
N VAL A 230 -21.24 -20.67 -25.93
CA VAL A 230 -20.12 -21.57 -25.72
C VAL A 230 -19.95 -22.57 -26.85
N ARG A 231 -18.73 -23.05 -27.01
CA ARG A 231 -18.43 -24.04 -28.02
C ARG A 231 -19.18 -25.34 -27.71
N LYS A 232 -19.39 -26.18 -28.73
CA LYS A 232 -20.20 -27.38 -28.58
C LYS A 232 -19.61 -28.39 -27.59
N GLY A 233 -20.42 -28.76 -26.60
CA GLY A 233 -20.03 -29.75 -25.61
C GLY A 233 -19.31 -29.17 -24.39
N ALA A 234 -19.33 -27.85 -24.26
CA ALA A 234 -18.67 -27.17 -23.15
C ALA A 234 -19.59 -27.07 -21.95
N VAL A 235 -18.99 -26.78 -20.80
CA VAL A 235 -19.74 -26.55 -19.57
C VAL A 235 -19.56 -25.10 -19.15
N LEU A 236 -20.68 -24.40 -18.98
CA LEU A 236 -20.69 -23.01 -18.53
C LEU A 236 -20.88 -22.96 -17.00
N VAL A 237 -19.98 -22.26 -16.32
CA VAL A 237 -20.04 -22.16 -14.87
C VAL A 237 -20.23 -20.72 -14.42
N CYS A 238 -21.08 -20.52 -13.43
CA CYS A 238 -21.28 -19.20 -12.88
C CYS A 238 -21.55 -19.27 -11.39
N ALA A 239 -20.61 -18.74 -10.61
CA ALA A 239 -20.74 -18.68 -9.16
C ALA A 239 -21.28 -17.33 -8.73
N TRP A 240 -21.90 -17.30 -7.56
CA TRP A 240 -22.70 -16.15 -7.16
C TRP A 240 -22.59 -15.95 -5.66
N ALA A 241 -21.36 -16.07 -5.14
CA ALA A 241 -21.09 -15.81 -3.73
C ALA A 241 -21.94 -16.67 -2.79
N GLU A 242 -22.67 -16.01 -1.90
CA GLU A 242 -23.39 -16.70 -0.84
C GLU A 242 -24.60 -17.46 -1.35
N GLU A 243 -24.93 -17.29 -2.63
CA GLU A 243 -25.95 -18.14 -3.25
C GLU A 243 -25.40 -19.41 -3.92
N GLY A 244 -24.11 -19.68 -3.75
CA GLY A 244 -23.52 -20.86 -4.37
C GLY A 244 -23.17 -20.67 -5.83
N ALA A 245 -23.25 -21.73 -6.61
CA ALA A 245 -22.85 -21.67 -8.00
C ALA A 245 -23.67 -22.66 -8.81
N ASP A 246 -23.72 -22.44 -10.12
CA ASP A 246 -24.45 -23.33 -11.01
C ASP A 246 -23.62 -23.66 -12.22
N ALA A 247 -23.96 -24.75 -12.91
CA ALA A 247 -23.28 -25.10 -14.14
C ALA A 247 -24.27 -25.68 -15.14
N LEU A 248 -23.95 -25.60 -16.42
CA LEU A 248 -24.82 -26.11 -17.46
C LEU A 248 -23.97 -26.73 -18.55
N GLY A 249 -24.32 -27.96 -18.92
CA GLY A 249 -23.59 -28.68 -19.94
C GLY A 249 -24.43 -29.03 -21.16
N PRO A 250 -23.85 -29.82 -22.05
CA PRO A 250 -24.49 -30.27 -23.30
C PRO A 250 -25.83 -30.97 -23.07
N ASP A 251 -25.97 -31.73 -21.99
CA ASP A 251 -27.20 -32.49 -21.77
C ASP A 251 -28.41 -31.61 -21.44
N GLY A 252 -28.16 -30.32 -21.23
CA GLY A 252 -29.23 -29.38 -20.98
C GLY A 252 -29.64 -29.26 -19.52
N LYS A 253 -29.01 -30.04 -18.65
CA LYS A 253 -29.41 -30.06 -17.25
C LYS A 253 -28.64 -29.09 -16.37
N LEU A 254 -29.37 -28.13 -15.82
CA LEU A 254 -28.83 -27.20 -14.85
C LEU A 254 -28.36 -27.92 -13.58
N LEU A 255 -27.14 -27.60 -13.17
CA LEU A 255 -26.61 -28.11 -11.92
C LEU A 255 -26.47 -26.96 -10.91
N HIS A 256 -26.80 -27.22 -9.65
CA HIS A 256 -26.63 -26.22 -8.60
C HIS A 256 -25.85 -26.75 -7.41
N SER A 257 -25.10 -25.86 -6.75
CA SER A 257 -24.52 -26.18 -5.45
C SER A 257 -24.74 -25.04 -4.48
N ASP A 258 -25.27 -25.37 -3.30
CA ASP A 258 -25.36 -24.34 -2.26
C ASP A 258 -23.96 -23.93 -1.90
N ALA A 259 -23.81 -22.72 -1.37
CA ALA A 259 -22.53 -22.25 -0.87
C ALA A 259 -22.17 -22.96 0.44
N PHE A 260 -20.91 -22.85 0.86
CA PHE A 260 -20.46 -23.31 2.17
C PHE A 260 -19.91 -22.13 2.99
N PRO A 261 -20.77 -21.18 3.37
CA PRO A 261 -20.29 -19.98 4.05
C PRO A 261 -19.75 -20.22 5.46
N PRO A 262 -18.60 -19.62 5.80
CA PRO A 262 -18.08 -19.73 7.15
C PRO A 262 -18.96 -18.90 8.09
N PRO A 263 -19.10 -19.31 9.35
CA PRO A 263 -19.96 -18.54 10.28
C PRO A 263 -19.59 -17.05 10.32
N ARG A 264 -18.30 -16.73 10.41
CA ARG A 264 -17.78 -15.37 10.20
C ARG A 264 -17.03 -15.24 8.88
N VAL A 265 -17.57 -14.46 7.95
CA VAL A 265 -16.83 -14.07 6.75
C VAL A 265 -15.86 -12.90 7.09
N VAL A 266 -14.55 -13.16 6.98
CA VAL A 266 -13.53 -12.19 7.35
C VAL A 266 -12.64 -11.69 6.17
N ASP A 267 -12.73 -12.35 5.02
CA ASP A 267 -11.89 -12.00 3.86
C ASP A 267 -12.22 -12.73 2.55
N THR A 268 -12.88 -12.03 1.62
CA THR A 268 -13.28 -12.63 0.35
C THR A 268 -12.37 -12.28 -0.80
N LEU A 269 -11.26 -11.60 -0.53
CA LEU A 269 -10.27 -11.35 -1.57
C LEU A 269 -9.72 -12.68 -2.10
N GLY A 270 -10.00 -13.00 -3.36
CA GLY A 270 -9.52 -14.25 -3.92
C GLY A 270 -10.43 -15.45 -3.79
N ALA A 271 -11.64 -15.25 -3.25
CA ALA A 271 -12.61 -16.34 -3.15
C ALA A 271 -12.99 -16.91 -4.51
N GLY A 272 -13.27 -16.02 -5.47
CA GLY A 272 -13.56 -16.43 -6.83
C GLY A 272 -12.46 -17.25 -7.49
N ASP A 273 -11.20 -16.84 -7.33
CA ASP A 273 -10.08 -17.57 -7.91
C ASP A 273 -9.97 -18.93 -7.22
N THR A 274 -10.28 -18.95 -5.92
CA THR A 274 -10.31 -20.17 -5.14
C THR A 274 -11.38 -21.12 -5.69
N PHE A 275 -12.57 -20.60 -5.96
CA PHE A 275 -13.62 -21.42 -6.54
C PHE A 275 -13.18 -21.95 -7.91
N ASN A 276 -12.69 -21.09 -8.81
CA ASN A 276 -12.24 -21.54 -10.13
C ASN A 276 -11.22 -22.70 -10.04
N ALA A 277 -10.16 -22.47 -9.29
CA ALA A 277 -9.08 -23.43 -9.19
C ALA A 277 -9.59 -24.75 -8.60
N SER A 278 -10.45 -24.65 -7.59
CA SER A 278 -11.00 -25.86 -7.00
C SER A 278 -11.91 -26.66 -7.96
N VAL A 279 -12.69 -25.97 -8.80
CA VAL A 279 -13.51 -26.67 -9.81
C VAL A 279 -12.61 -27.42 -10.80
N ILE A 280 -11.53 -26.77 -11.21
CA ILE A 280 -10.56 -27.30 -12.15
C ILE A 280 -9.81 -28.52 -11.62
N PHE A 281 -9.30 -28.43 -10.39
CA PHE A 281 -8.66 -29.55 -9.71
C PHE A 281 -9.59 -30.75 -9.74
N SER A 282 -10.84 -30.53 -9.32
CA SER A 282 -11.77 -31.62 -9.17
C SER A 282 -12.04 -32.26 -10.52
N LEU A 283 -12.27 -31.43 -11.52
CA LEU A 283 -12.50 -31.91 -12.87
C LEU A 283 -11.30 -32.69 -13.42
N SER A 284 -10.10 -32.14 -13.25
CA SER A 284 -8.90 -32.79 -13.74
C SER A 284 -8.58 -34.07 -12.96
N GLN A 285 -9.38 -34.37 -11.95
CA GLN A 285 -9.19 -35.57 -11.14
C GLN A 285 -10.26 -36.61 -11.47
N GLY A 286 -11.06 -36.30 -12.49
CA GLY A 286 -12.06 -37.22 -12.99
C GLY A 286 -13.42 -37.18 -12.31
N ARG A 287 -13.70 -36.16 -11.50
CA ARG A 287 -14.98 -36.08 -10.81
C ARG A 287 -16.07 -35.50 -11.70
N SER A 288 -17.32 -35.85 -11.43
CA SER A 288 -18.43 -35.23 -12.14
C SER A 288 -18.45 -33.71 -11.96
N VAL A 289 -19.15 -33.03 -12.84
CA VAL A 289 -19.31 -31.59 -12.75
C VAL A 289 -20.07 -31.25 -11.46
N GLN A 290 -21.14 -31.98 -11.14
CA GLN A 290 -21.83 -31.75 -9.88
C GLN A 290 -20.85 -31.80 -8.72
N GLU A 291 -20.00 -32.82 -8.69
CA GLU A 291 -19.03 -32.90 -7.62
C GLU A 291 -18.03 -31.75 -7.64
N ALA A 292 -17.52 -31.40 -8.81
CA ALA A 292 -16.56 -30.32 -8.92
C ALA A 292 -17.19 -28.98 -8.46
N LEU A 293 -18.47 -28.79 -8.77
CA LEU A 293 -19.23 -27.63 -8.29
C LEU A 293 -19.30 -27.51 -6.76
N ARG A 294 -19.67 -28.60 -6.08
CA ARG A 294 -19.71 -28.64 -4.63
C ARG A 294 -18.31 -28.38 -4.04
N PHE A 295 -17.30 -28.92 -4.69
CA PHE A 295 -15.95 -28.80 -4.20
C PHE A 295 -15.51 -27.36 -4.34
N GLY A 296 -15.69 -26.79 -5.53
CA GLY A 296 -15.52 -25.36 -5.72
C GLY A 296 -16.09 -24.53 -4.57
N CYS A 297 -17.36 -24.75 -4.22
CA CYS A 297 -18.01 -23.93 -3.19
C CYS A 297 -17.43 -24.26 -1.83
N GLN A 298 -17.16 -25.54 -1.61
CA GLN A 298 -16.61 -25.96 -0.34
C GLN A 298 -15.31 -25.26 0.01
N VAL A 299 -14.43 -25.09 -0.97
CA VAL A 299 -13.11 -24.55 -0.70
C VAL A 299 -13.14 -23.00 -0.64
N ALA A 300 -13.76 -22.38 -1.64
CA ALA A 300 -14.06 -20.96 -1.61
C ALA A 300 -14.65 -20.53 -0.24
N GLY A 301 -15.65 -21.27 0.24
CA GLY A 301 -16.28 -20.96 1.51
C GLY A 301 -15.28 -20.97 2.63
N LYS A 302 -14.48 -22.03 2.68
CA LYS A 302 -13.44 -22.17 3.69
C LYS A 302 -12.42 -20.99 3.64
N LYS A 303 -11.98 -20.65 2.44
CA LYS A 303 -11.13 -19.50 2.25
C LYS A 303 -11.72 -18.23 2.90
N CYS A 304 -13.01 -17.97 2.69
CA CYS A 304 -13.67 -16.75 3.21
C CYS A 304 -13.70 -16.60 4.74
N GLY A 305 -13.43 -17.67 5.46
CA GLY A 305 -13.36 -17.59 6.92
C GLY A 305 -11.92 -17.44 7.38
N LEU A 306 -11.02 -17.08 6.47
CA LEU A 306 -9.60 -17.00 6.77
C LEU A 306 -8.96 -15.79 6.13
N GLN A 307 -7.89 -15.30 6.73
CA GLN A 307 -7.05 -14.29 6.08
C GLN A 307 -6.08 -15.01 5.14
N GLY A 308 -6.06 -14.63 3.87
CA GLY A 308 -5.16 -15.27 2.93
C GLY A 308 -5.55 -16.67 2.48
N PHE A 309 -4.57 -17.55 2.29
CA PHE A 309 -4.87 -18.82 1.62
C PHE A 309 -4.47 -20.04 2.42
N ASP A 310 -3.47 -19.90 3.27
CA ASP A 310 -3.11 -20.98 4.15
C ASP A 310 -4.31 -21.39 4.99
N GLY A 311 -4.50 -22.69 5.17
CA GLY A 311 -5.54 -23.17 6.04
C GLY A 311 -6.78 -23.63 5.30
N ILE A 312 -6.83 -23.45 3.99
CA ILE A 312 -8.02 -23.89 3.25
C ILE A 312 -8.05 -25.42 3.08
N VAL A 313 -6.88 -26.03 3.21
CA VAL A 313 -6.76 -27.48 3.19
C VAL A 313 -6.01 -27.96 4.43
N GLY B 13 30.37 3.99 8.52
CA GLY B 13 31.43 4.97 8.29
C GLY B 13 31.62 6.02 9.40
N LEU B 14 32.74 6.72 9.35
CA LEU B 14 33.07 7.71 10.36
C LEU B 14 32.29 9.03 10.19
N VAL B 15 31.52 9.39 11.22
CA VAL B 15 30.79 10.66 11.26
C VAL B 15 31.50 11.60 12.21
N PRO B 16 32.05 12.71 11.70
CA PRO B 16 32.77 13.63 12.59
C PRO B 16 31.88 14.07 13.77
N ARG B 17 32.47 14.25 14.93
CA ARG B 17 31.68 14.58 16.12
C ARG B 17 31.01 15.95 16.01
N GLY B 18 29.76 16.02 16.44
CA GLY B 18 29.03 17.27 16.48
C GLY B 18 28.74 17.83 15.10
N SER B 19 28.47 16.96 14.14
CA SER B 19 28.26 17.38 12.76
C SER B 19 26.85 17.13 12.22
N GLN B 20 26.11 16.23 12.84
CA GLN B 20 24.81 15.82 12.30
C GLN B 20 23.67 16.43 13.09
N ILE B 21 22.57 16.65 12.38
CA ILE B 21 21.28 17.00 12.98
C ILE B 21 20.41 15.76 12.95
N LEU B 22 19.90 15.40 14.12
CA LEU B 22 19.13 14.17 14.26
C LEU B 22 17.67 14.52 14.44
N CYS B 23 16.81 13.84 13.69
CA CYS B 23 15.37 13.95 13.86
C CYS B 23 14.77 12.63 14.30
N VAL B 24 14.01 12.65 15.39
CA VAL B 24 13.40 11.47 15.93
C VAL B 24 11.90 11.50 15.66
N GLY B 25 11.36 10.48 14.99
CA GLY B 25 9.93 10.45 14.75
C GLY B 25 9.40 9.32 13.87
N LEU B 26 8.24 9.57 13.29
CA LEU B 26 7.57 8.61 12.44
C LEU B 26 8.15 8.57 11.02
N VAL B 27 8.26 7.39 10.45
CA VAL B 27 8.39 7.25 9.00
C VAL B 27 7.30 6.28 8.55
N VAL B 28 6.76 6.49 7.36
CA VAL B 28 5.60 5.72 6.92
C VAL B 28 5.58 5.67 5.40
N LEU B 29 5.24 4.50 4.86
CA LEU B 29 5.05 4.34 3.43
C LEU B 29 3.63 4.77 3.07
N ASP B 30 3.51 5.86 2.33
CA ASP B 30 2.20 6.36 1.86
C ASP B 30 1.95 5.92 0.42
N VAL B 31 0.86 5.19 0.22
CA VAL B 31 0.40 4.84 -1.11
C VAL B 31 -0.76 5.76 -1.48
N ILE B 32 -0.61 6.51 -2.56
CA ILE B 32 -1.58 7.53 -2.94
C ILE B 32 -2.16 7.25 -4.31
N SER B 33 -3.48 7.14 -4.38
CA SER B 33 -4.15 6.82 -5.63
C SER B 33 -5.14 7.89 -6.04
N LEU B 34 -5.13 8.24 -7.30
CA LEU B 34 -6.07 9.22 -7.83
C LEU B 34 -7.17 8.48 -8.57
N VAL B 35 -8.42 8.78 -8.23
CA VAL B 35 -9.54 8.09 -8.84
C VAL B 35 -10.57 9.04 -9.44
N ASP B 36 -11.35 8.52 -10.39
CA ASP B 36 -12.44 9.28 -11.01
C ASP B 36 -13.51 9.56 -9.99
N LYS B 37 -13.97 8.49 -9.35
CA LYS B 37 -14.97 8.61 -8.30
C LYS B 37 -14.59 7.71 -7.14
N TYR B 38 -15.12 8.02 -5.97
CA TYR B 38 -14.91 7.18 -4.80
C TYR B 38 -15.50 5.78 -5.08
N PRO B 39 -14.73 4.74 -4.74
CA PRO B 39 -15.12 3.34 -5.04
C PRO B 39 -16.23 2.82 -4.15
N LYS B 40 -17.24 2.18 -4.74
CA LYS B 40 -18.27 1.54 -3.97
C LYS B 40 -17.70 0.28 -3.32
N GLU B 41 -18.09 0.02 -2.08
CA GLU B 41 -17.57 -1.15 -1.38
C GLU B 41 -17.80 -2.45 -2.16
N ASP B 42 -16.82 -3.34 -2.08
CA ASP B 42 -16.86 -4.61 -2.78
C ASP B 42 -16.63 -4.50 -4.29
N SER B 43 -16.18 -3.33 -4.76
CA SER B 43 -15.91 -3.14 -6.18
C SER B 43 -14.42 -3.16 -6.53
N GLU B 44 -14.14 -3.35 -7.82
CA GLU B 44 -12.81 -3.50 -8.35
C GLU B 44 -12.62 -2.36 -9.35
N ILE B 45 -11.64 -1.48 -9.13
CA ILE B 45 -11.46 -0.33 -10.02
C ILE B 45 -10.01 0.00 -10.40
N ARG B 46 -9.85 0.72 -11.51
CA ARG B 46 -8.54 1.22 -11.90
C ARG B 46 -8.41 2.64 -11.40
N CYS B 47 -7.24 2.95 -10.85
CA CYS B 47 -6.92 4.32 -10.50
C CYS B 47 -6.42 5.05 -11.75
N LEU B 48 -6.46 6.38 -11.71
CA LEU B 48 -5.87 7.19 -12.76
C LEU B 48 -4.35 7.20 -12.62
N SER B 49 -3.85 7.39 -11.40
CA SER B 49 -2.43 7.22 -11.07
C SER B 49 -2.19 6.77 -9.62
N GLN B 50 -0.96 6.38 -9.32
CA GLN B 50 -0.61 5.86 -8.01
C GLN B 50 0.85 6.11 -7.62
N ARG B 51 1.07 6.63 -6.42
CA ARG B 51 2.44 6.88 -5.94
C ARG B 51 2.72 6.17 -4.63
N TRP B 52 3.96 5.69 -4.47
CA TRP B 52 4.49 5.29 -3.17
C TRP B 52 5.44 6.36 -2.71
N GLN B 53 5.22 6.84 -1.48
CA GLN B 53 6.00 7.93 -0.94
C GLN B 53 6.40 7.67 0.49
N ARG B 54 7.62 8.05 0.82
CA ARG B 54 8.05 8.04 2.20
C ARG B 54 7.37 9.22 2.86
N GLY B 55 6.68 9.00 3.97
CA GLY B 55 5.95 10.05 4.67
C GLY B 55 6.38 10.15 6.11
N GLY B 56 5.69 11.00 6.88
CA GLY B 56 6.00 11.18 8.29
C GLY B 56 6.75 12.47 8.56
N ASN B 57 6.45 13.08 9.71
CA ASN B 57 7.02 14.38 10.07
C ASN B 57 8.53 14.40 10.11
N ALA B 58 9.10 13.64 11.03
CA ALA B 58 10.55 13.63 11.22
C ALA B 58 11.20 13.19 9.93
N SER B 59 10.54 12.28 9.23
CA SER B 59 11.02 11.78 7.94
C SER B 59 11.14 12.90 6.90
N ASN B 60 10.07 13.69 6.73
CA ASN B 60 10.06 14.79 5.77
C ASN B 60 11.16 15.80 6.09
N SER B 61 11.31 16.14 7.36
CA SER B 61 12.33 17.12 7.75
C SER B 61 13.73 16.67 7.41
N CYS B 62 14.00 15.36 7.56
CA CYS B 62 15.28 14.82 7.15
C CYS B 62 15.52 15.11 5.67
N THR B 63 14.53 14.81 4.84
CA THR B 63 14.69 15.07 3.42
C THR B 63 15.08 16.55 3.20
N VAL B 64 14.38 17.45 3.88
CA VAL B 64 14.63 18.87 3.69
C VAL B 64 16.05 19.28 4.14
N LEU B 65 16.44 18.88 5.36
CA LEU B 65 17.81 19.10 5.86
C LEU B 65 18.94 18.64 4.91
N SER B 66 18.75 17.49 4.28
CA SER B 66 19.66 16.96 3.28
C SER B 66 19.77 17.85 2.06
N LEU B 67 18.61 18.25 1.54
CA LEU B 67 18.58 19.14 0.39
C LEU B 67 19.18 20.48 0.73
N LEU B 68 19.06 20.89 1.99
CA LEU B 68 19.64 22.16 2.45
C LEU B 68 21.16 22.09 2.61
N GLY B 69 21.72 20.88 2.64
CA GLY B 69 23.17 20.72 2.73
C GLY B 69 23.64 20.36 4.13
N ALA B 70 22.73 19.94 4.99
CA ALA B 70 23.10 19.47 6.32
C ALA B 70 23.30 17.96 6.40
N PRO B 71 24.36 17.51 7.08
CA PRO B 71 24.46 16.07 7.36
C PRO B 71 23.33 15.75 8.30
N CYS B 72 22.55 14.71 8.04
CA CYS B 72 21.43 14.46 8.90
C CYS B 72 21.06 13.02 9.00
N ALA B 73 20.46 12.68 10.13
CA ALA B 73 20.15 11.31 10.49
C ALA B 73 18.71 11.21 11.00
N PHE B 74 18.10 10.07 10.75
CA PHE B 74 16.76 9.80 11.24
C PHE B 74 16.80 8.71 12.31
N MET B 75 16.02 8.92 13.38
CA MET B 75 15.78 7.85 14.35
C MET B 75 14.29 7.56 14.51
N GLY B 76 13.88 6.36 14.15
CA GLY B 76 12.48 5.98 14.23
C GLY B 76 12.42 4.47 14.21
N SER B 77 11.22 3.91 14.41
CA SER B 77 11.04 2.46 14.43
C SER B 77 10.68 1.89 13.07
N MET B 78 11.33 0.80 12.71
CA MET B 78 10.96 0.02 11.55
C MET B 78 11.04 -1.47 11.87
N ALA B 79 10.29 -2.28 11.11
CA ALA B 79 10.43 -3.74 11.17
C ALA B 79 11.01 -4.27 9.86
N PRO B 80 11.99 -5.17 9.98
CA PRO B 80 12.64 -5.78 8.82
C PRO B 80 11.59 -6.27 7.86
N GLY B 81 11.82 -6.08 6.56
CA GLY B 81 10.81 -6.44 5.59
C GLY B 81 10.82 -5.55 4.37
N HIS B 82 9.87 -5.75 3.47
CA HIS B 82 9.90 -5.06 2.19
C HIS B 82 9.49 -3.59 2.26
N VAL B 83 8.53 -3.27 3.14
CA VAL B 83 8.19 -1.88 3.40
C VAL B 83 9.45 -1.11 3.88
N ALA B 84 10.06 -1.59 4.97
CA ALA B 84 11.32 -1.06 5.44
C ALA B 84 12.33 -0.86 4.30
N ASP B 85 12.44 -1.87 3.44
CA ASP B 85 13.38 -1.83 2.33
C ASP B 85 13.14 -0.64 1.39
N PHE B 86 11.89 -0.47 0.97
CA PHE B 86 11.53 0.66 0.15
C PHE B 86 11.82 1.98 0.88
N LEU B 87 11.47 2.06 2.17
CA LEU B 87 11.68 3.28 2.96
C LEU B 87 13.16 3.59 3.14
N VAL B 88 13.95 2.59 3.54
CA VAL B 88 15.40 2.78 3.64
C VAL B 88 16.02 3.23 2.30
N ALA B 89 15.57 2.68 1.20
CA ALA B 89 16.16 3.05 -0.08
C ALA B 89 15.76 4.49 -0.43
N ASP B 90 14.52 4.88 -0.16
CA ASP B 90 14.13 6.28 -0.30
C ASP B 90 14.89 7.24 0.63
N PHE B 91 15.03 6.87 1.89
CA PHE B 91 15.84 7.64 2.82
C PHE B 91 17.18 7.89 2.17
N ARG B 92 17.80 6.82 1.67
CA ARG B 92 19.14 6.93 1.09
C ARG B 92 19.17 7.70 -0.24
N ARG B 93 18.12 7.54 -1.03
CA ARG B 93 17.92 8.37 -2.21
C ARG B 93 18.08 9.86 -1.83
N ARG B 94 17.66 10.22 -0.62
CA ARG B 94 17.72 11.61 -0.11
C ARG B 94 18.92 11.90 0.78
N GLY B 95 19.93 11.03 0.77
CA GLY B 95 21.15 11.30 1.51
C GLY B 95 20.99 11.29 3.02
N VAL B 96 19.92 10.68 3.52
CA VAL B 96 19.68 10.56 4.95
C VAL B 96 20.41 9.38 5.59
N ASP B 97 21.10 9.63 6.70
CA ASP B 97 21.74 8.60 7.51
C ASP B 97 20.70 7.77 8.33
N VAL B 98 20.62 6.46 8.07
CA VAL B 98 19.59 5.62 8.73
C VAL B 98 20.18 4.66 9.78
N SER B 99 21.47 4.84 10.07
CA SER B 99 22.17 4.00 11.03
C SER B 99 21.60 3.99 12.47
N GLN B 100 20.70 4.91 12.83
CA GLN B 100 20.16 4.90 14.20
C GLN B 100 18.76 4.37 14.27
N VAL B 101 18.27 3.84 13.15
CA VAL B 101 16.94 3.26 13.17
C VAL B 101 16.81 2.22 14.29
N ALA B 102 15.66 2.20 14.95
CA ALA B 102 15.37 1.20 15.98
C ALA B 102 14.56 0.07 15.39
N TRP B 103 15.26 -0.96 14.92
CA TRP B 103 14.59 -2.13 14.36
C TRP B 103 13.85 -2.95 15.42
N GLN B 104 12.59 -3.30 15.11
CA GLN B 104 11.69 -3.97 16.04
C GLN B 104 11.51 -5.45 15.70
N SER B 105 11.00 -6.23 16.65
CA SER B 105 10.71 -7.64 16.40
C SER B 105 9.20 -7.91 16.34
N LYS B 106 8.43 -6.89 16.72
CA LYS B 106 6.98 -6.97 16.70
C LYS B 106 6.46 -5.86 15.81
N GLY B 107 5.26 -6.04 15.23
CA GLY B 107 4.58 -4.96 14.53
C GLY B 107 4.89 -4.76 13.05
N ASP B 108 4.05 -3.95 12.40
CA ASP B 108 4.20 -3.58 10.99
C ASP B 108 5.03 -2.31 10.84
N THR B 109 5.84 -2.23 9.78
CA THR B 109 6.38 -0.92 9.44
C THR B 109 5.17 -0.09 8.97
N PRO B 110 5.03 1.14 9.49
CA PRO B 110 3.82 1.91 9.17
C PRO B 110 3.66 2.12 7.67
N SER B 111 2.44 1.95 7.19
CA SER B 111 2.14 2.18 5.80
C SER B 111 0.68 2.69 5.74
N SER B 112 0.34 3.50 4.73
CA SER B 112 -1.00 4.09 4.67
C SER B 112 -1.48 4.21 3.27
N CYS B 113 -2.80 4.18 3.10
CA CYS B 113 -3.40 4.30 1.79
C CYS B 113 -4.27 5.52 1.70
N CYS B 114 -4.08 6.27 0.62
CA CYS B 114 -4.88 7.48 0.39
C CYS B 114 -5.55 7.46 -0.99
N ILE B 115 -6.82 7.83 -1.01
CA ILE B 115 -7.55 7.95 -2.26
C ILE B 115 -7.98 9.39 -2.46
N ILE B 116 -7.44 10.02 -3.49
CA ILE B 116 -7.81 11.39 -3.83
C ILE B 116 -8.85 11.38 -4.93
N ASN B 117 -10.05 11.87 -4.62
CA ASN B 117 -11.15 11.89 -5.57
C ASN B 117 -10.96 13.01 -6.58
N ASN B 118 -10.64 12.65 -7.81
CA ASN B 118 -10.23 13.63 -8.82
C ASN B 118 -11.28 14.71 -9.09
N SER B 119 -12.55 14.35 -8.89
CA SER B 119 -13.66 15.22 -9.24
C SER B 119 -14.23 16.01 -8.05
N ASN B 120 -13.41 16.22 -7.01
CA ASN B 120 -13.81 17.07 -5.89
C ASN B 120 -12.69 17.29 -4.89
N GLY B 121 -11.52 16.73 -5.18
CA GLY B 121 -10.34 16.90 -4.35
C GLY B 121 -10.45 16.27 -2.97
N ASN B 122 -11.50 15.47 -2.76
CA ASN B 122 -11.65 14.76 -1.49
C ASN B 122 -10.55 13.71 -1.26
N ARG B 123 -10.00 13.70 -0.06
CA ARG B 123 -9.01 12.71 0.31
C ARG B 123 -9.61 11.75 1.33
N THR B 124 -9.55 10.46 1.03
CA THR B 124 -9.96 9.45 2.01
C THR B 124 -8.73 8.66 2.41
N ILE B 125 -8.54 8.45 3.72
CA ILE B 125 -7.28 7.92 4.22
C ILE B 125 -7.42 6.80 5.25
N VAL B 126 -6.89 5.61 4.90
CA VAL B 126 -6.73 4.51 5.83
C VAL B 126 -5.32 4.64 6.44
N LEU B 127 -5.29 5.12 7.68
CA LEU B 127 -4.06 5.39 8.41
C LEU B 127 -3.42 4.10 8.85
N HIS B 128 -2.11 4.14 9.08
CA HIS B 128 -1.36 2.95 9.48
C HIS B 128 -1.89 2.32 10.76
N ASP B 129 -1.62 1.03 10.95
CA ASP B 129 -2.07 0.37 12.17
C ASP B 129 -1.17 0.79 13.32
N THR B 130 -1.49 0.34 14.51
CA THR B 130 -0.81 0.84 15.68
C THR B 130 -0.04 -0.26 16.40
N SER B 131 0.62 -1.12 15.62
CA SER B 131 1.29 -2.31 16.14
C SER B 131 2.79 -2.17 16.41
N LEU B 132 3.42 -1.17 15.81
CA LEU B 132 4.87 -1.04 15.96
C LEU B 132 5.20 -0.17 17.16
N PRO B 133 6.00 -0.69 18.10
CA PRO B 133 6.37 0.12 19.27
C PRO B 133 7.08 1.40 18.81
N ASP B 134 6.77 2.52 19.45
CA ASP B 134 7.55 3.73 19.23
C ASP B 134 8.97 3.51 19.75
N VAL B 135 9.85 4.47 19.50
CA VAL B 135 11.19 4.44 20.05
C VAL B 135 11.12 4.66 21.57
N SER B 136 11.87 3.88 22.33
CA SER B 136 11.79 3.97 23.79
C SER B 136 12.97 4.73 24.37
N ALA B 137 12.80 5.17 25.61
CA ALA B 137 13.90 5.81 26.32
C ALA B 137 15.08 4.83 26.42
N THR B 138 14.79 3.54 26.48
CA THR B 138 15.89 2.58 26.57
C THR B 138 16.55 2.38 25.22
N ASP B 139 15.78 2.49 24.15
CA ASP B 139 16.38 2.51 22.81
C ASP B 139 17.31 3.71 22.66
N PHE B 140 16.87 4.84 23.18
CA PHE B 140 17.62 6.08 23.04
C PHE B 140 18.92 6.09 23.87
N GLU B 141 18.87 5.53 25.07
CA GLU B 141 20.04 5.36 25.93
C GLU B 141 21.24 4.77 25.20
N LYS B 142 20.98 3.82 24.30
CA LYS B 142 22.04 3.12 23.57
C LYS B 142 22.71 3.97 22.50
N VAL B 143 22.19 5.15 22.22
CA VAL B 143 22.79 6.02 21.20
C VAL B 143 23.92 6.88 21.75
N ASP B 144 25.06 6.85 21.09
CA ASP B 144 26.15 7.78 21.37
C ASP B 144 25.88 9.15 20.74
N LEU B 145 25.57 10.12 21.58
CA LEU B 145 25.20 11.48 21.19
C LEU B 145 26.32 12.38 20.60
N THR B 146 27.58 12.07 20.83
CA THR B 146 28.65 13.01 20.42
C THR B 146 28.67 13.43 18.93
N GLN B 147 27.93 12.69 18.12
CA GLN B 147 27.85 12.84 16.68
C GLN B 147 26.99 14.06 16.29
N PHE B 148 26.15 14.49 17.22
CA PHE B 148 25.02 15.33 16.91
C PHE B 148 25.20 16.73 17.45
N LYS B 149 25.00 17.73 16.60
CA LYS B 149 24.97 19.14 17.06
C LYS B 149 23.58 19.59 17.45
N TRP B 150 22.55 18.93 16.90
CA TRP B 150 21.16 19.37 17.09
C TRP B 150 20.31 18.14 17.10
N ILE B 151 19.39 18.03 18.06
CA ILE B 151 18.48 16.90 18.09
C ILE B 151 17.05 17.40 18.12
N HIS B 152 16.22 16.89 17.23
CA HIS B 152 14.84 17.37 17.10
C HIS B 152 13.82 16.25 17.28
N ILE B 153 12.81 16.51 18.11
CA ILE B 153 11.88 15.48 18.47
C ILE B 153 10.43 15.78 18.10
N GLU B 154 9.92 15.05 17.11
CA GLU B 154 8.51 15.02 16.82
C GLU B 154 7.78 14.38 17.99
N GLY B 155 7.06 15.17 18.77
CA GLY B 155 6.28 14.66 19.88
C GLY B 155 5.33 13.52 19.51
N ARG B 156 5.48 12.38 20.16
CA ARG B 156 4.57 11.27 19.90
C ARG B 156 4.23 10.57 21.20
N ASN B 157 5.18 9.80 21.72
CA ASN B 157 5.01 9.11 22.99
C ASN B 157 5.72 9.87 24.11
N ALA B 158 4.99 10.82 24.69
CA ALA B 158 5.62 11.89 25.47
C ALA B 158 6.44 11.43 26.67
N SER B 159 5.86 10.56 27.49
CA SER B 159 6.51 10.16 28.75
C SER B 159 7.90 9.59 28.47
N GLU B 160 8.01 8.78 27.42
CA GLU B 160 9.31 8.24 27.03
C GLU B 160 10.24 9.30 26.45
N GLN B 161 9.68 10.22 25.67
CA GLN B 161 10.50 11.25 25.02
C GLN B 161 11.00 12.24 26.05
N VAL B 162 10.25 12.38 27.14
CA VAL B 162 10.68 13.22 28.24
C VAL B 162 12.00 12.71 28.82
N LYS B 163 12.08 11.40 29.01
CA LYS B 163 13.32 10.77 29.46
C LYS B 163 14.46 11.01 28.48
N MET B 164 14.20 10.88 27.17
CA MET B 164 15.23 11.19 26.17
C MET B 164 15.70 12.62 26.31
N LEU B 165 14.75 13.53 26.49
CA LEU B 165 15.10 14.95 26.65
C LEU B 165 15.94 15.20 27.92
N GLN B 166 15.59 14.56 29.04
CA GLN B 166 16.42 14.63 30.26
C GLN B 166 17.82 14.03 30.03
N ARG B 167 17.89 12.95 29.28
CA ARG B 167 19.21 12.37 28.98
C ARG B 167 20.11 13.36 28.26
N ILE B 168 19.59 14.02 27.23
CA ILE B 168 20.33 15.04 26.49
C ILE B 168 20.71 16.19 27.41
N ASP B 169 19.75 16.62 28.24
CA ASP B 169 20.04 17.65 29.24
C ASP B 169 21.23 17.27 30.09
N ALA B 170 21.15 16.08 30.67
CA ALA B 170 22.28 15.51 31.39
C ALA B 170 23.58 15.62 30.59
N HIS B 171 23.59 15.15 29.35
CA HIS B 171 24.79 15.21 28.50
C HIS B 171 25.39 16.60 28.43
N ASN B 172 24.52 17.59 28.21
CA ASN B 172 24.98 18.96 27.97
C ASN B 172 25.61 19.53 29.22
N THR B 173 25.09 19.10 30.37
CA THR B 173 25.61 19.47 31.68
C THR B 173 27.14 19.39 31.75
N ARG B 174 27.70 18.43 31.03
CA ARG B 174 29.11 18.13 31.14
C ARG B 174 29.93 18.74 30.00
N GLN B 175 29.27 19.40 29.07
CA GLN B 175 29.97 19.89 27.90
C GLN B 175 30.26 21.37 27.98
N PRO B 176 31.36 21.81 27.35
CA PRO B 176 31.59 23.23 27.12
C PRO B 176 30.36 23.78 26.42
N PRO B 177 30.24 25.10 26.32
CA PRO B 177 29.03 25.66 25.69
C PRO B 177 29.09 25.54 24.18
N GLU B 178 30.23 25.07 23.67
CA GLU B 178 30.42 24.97 22.23
C GLU B 178 30.53 23.50 21.86
N GLN B 179 30.12 22.66 22.79
CA GLN B 179 29.89 21.25 22.54
C GLN B 179 28.51 20.92 23.09
N LYS B 180 27.70 21.95 23.29
CA LYS B 180 26.33 21.72 23.71
C LYS B 180 25.48 21.35 22.51
N ILE B 181 24.55 20.42 22.70
CA ILE B 181 23.64 19.96 21.65
C ILE B 181 22.31 20.71 21.77
N ARG B 182 21.91 21.38 20.70
CA ARG B 182 20.67 22.14 20.70
C ARG B 182 19.54 21.17 20.59
N VAL B 183 18.39 21.53 21.14
CA VAL B 183 17.23 20.66 21.06
C VAL B 183 16.00 21.40 20.59
N SER B 184 15.23 20.77 19.72
CA SER B 184 13.95 21.30 19.33
C SER B 184 12.90 20.23 19.51
N VAL B 185 11.66 20.68 19.62
CA VAL B 185 10.53 19.81 19.93
C VAL B 185 9.30 20.26 19.12
N GLU B 186 8.57 19.30 18.56
CA GLU B 186 7.34 19.61 17.85
C GLU B 186 6.11 18.97 18.49
N VAL B 187 5.11 19.80 18.75
CA VAL B 187 3.82 19.37 19.25
C VAL B 187 2.84 19.68 18.13
N GLU B 188 2.43 18.68 17.36
CA GLU B 188 1.61 18.96 16.19
C GLU B 188 0.26 18.27 16.20
N LYS B 189 0.11 17.28 17.08
CA LYS B 189 -1.15 16.60 17.29
C LYS B 189 -1.81 17.21 18.53
N PRO B 190 -3.11 17.52 18.44
CA PRO B 190 -3.85 18.10 19.56
C PRO B 190 -4.16 17.06 20.64
N ARG B 191 -3.09 16.54 21.26
CA ARG B 191 -3.20 15.47 22.24
C ARG B 191 -2.56 15.88 23.54
N GLU B 192 -3.34 15.80 24.62
CA GLU B 192 -2.91 16.24 25.94
C GLU B 192 -1.55 15.68 26.38
N GLU B 193 -1.31 14.41 26.09
CA GLU B 193 -0.03 13.80 26.47
C GLU B 193 1.11 14.71 26.02
N LEU B 194 0.95 15.28 24.84
CA LEU B 194 2.04 16.01 24.20
C LEU B 194 2.40 17.30 24.92
N PHE B 195 1.45 17.89 25.63
CA PHE B 195 1.65 19.24 26.13
C PHE B 195 2.81 19.37 27.12
N GLN B 196 3.22 18.26 27.73
CA GLN B 196 4.36 18.32 28.64
C GLN B 196 5.65 18.63 27.91
N LEU B 197 5.66 18.41 26.60
CA LEU B 197 6.90 18.60 25.86
C LEU B 197 7.27 20.06 25.73
N PHE B 198 6.30 20.96 25.97
CA PHE B 198 6.56 22.39 25.89
C PHE B 198 7.70 22.75 26.83
N GLY B 199 7.82 21.97 27.90
CA GLY B 199 8.79 22.23 28.93
C GLY B 199 10.22 21.98 28.50
N TYR B 200 10.38 21.38 27.33
CA TYR B 200 11.72 20.99 26.89
C TYR B 200 12.04 21.57 25.52
N GLY B 201 13.33 21.70 25.25
CA GLY B 201 13.75 22.28 23.99
C GLY B 201 14.23 23.72 24.12
N ASP B 202 15.28 24.04 23.38
CA ASP B 202 15.69 25.41 23.14
C ASP B 202 14.68 26.01 22.18
N VAL B 203 14.11 25.16 21.33
CA VAL B 203 13.09 25.61 20.38
C VAL B 203 11.86 24.71 20.36
N VAL B 204 10.68 25.34 20.42
CA VAL B 204 9.41 24.61 20.46
C VAL B 204 8.45 25.06 19.35
N PHE B 205 8.14 24.12 18.45
CA PHE B 205 7.21 24.34 17.37
C PHE B 205 5.82 23.84 17.74
N VAL B 206 4.83 24.72 17.65
CA VAL B 206 3.44 24.34 17.87
C VAL B 206 2.64 24.59 16.58
N SER B 207 1.77 23.65 16.21
CA SER B 207 1.12 23.76 14.91
C SER B 207 -0.12 24.64 14.98
N LYS B 208 -0.56 25.14 13.84
CA LYS B 208 -1.78 25.92 13.79
C LYS B 208 -2.93 25.08 14.29
N ASP B 209 -2.98 23.83 13.82
CA ASP B 209 -4.03 22.90 14.20
C ASP B 209 -4.11 22.66 15.71
N VAL B 210 -2.96 22.67 16.39
CA VAL B 210 -2.96 22.52 17.85
C VAL B 210 -3.38 23.80 18.55
N ALA B 211 -2.79 24.92 18.13
CA ALA B 211 -3.20 26.23 18.62
C ALA B 211 -4.73 26.39 18.55
N LYS B 212 -5.29 26.18 17.38
CA LYS B 212 -6.75 26.21 17.21
C LYS B 212 -7.56 25.28 18.14
N HIS B 213 -7.06 24.09 18.41
CA HIS B 213 -7.75 23.20 19.34
C HIS B 213 -7.69 23.71 20.77
N LEU B 214 -6.62 24.42 21.12
CA LEU B 214 -6.60 25.08 22.42
C LEU B 214 -7.38 26.39 22.36
N GLY B 215 -7.93 26.69 21.19
CA GLY B 215 -8.85 27.80 21.05
C GLY B 215 -8.24 29.17 20.74
N PHE B 216 -6.99 29.18 20.32
CA PHE B 216 -6.35 30.41 19.90
C PHE B 216 -6.67 30.60 18.44
N GLN B 217 -6.78 31.85 18.01
CA GLN B 217 -7.29 32.10 16.67
C GLN B 217 -6.26 32.73 15.75
N SER B 218 -5.04 32.86 16.27
CA SER B 218 -3.96 33.44 15.49
C SER B 218 -2.64 33.08 16.15
N ALA B 219 -1.58 33.17 15.36
CA ALA B 219 -0.24 32.91 15.88
C ALA B 219 0.06 33.75 17.12
N GLU B 220 -0.35 35.02 17.11
CA GLU B 220 -0.04 35.91 18.22
C GLU B 220 -0.73 35.46 19.51
N GLU B 221 -2.01 35.15 19.42
CA GLU B 221 -2.73 34.58 20.55
C GLU B 221 -2.08 33.31 21.08
N ALA B 222 -1.71 32.42 20.15
CA ALA B 222 -1.13 31.13 20.50
C ALA B 222 0.18 31.32 21.25
N LEU B 223 1.12 32.06 20.64
CA LEU B 223 2.40 32.29 21.30
C LEU B 223 2.26 32.98 22.65
N ARG B 224 1.50 34.08 22.71
CA ARG B 224 1.31 34.82 23.98
C ARG B 224 0.60 33.93 25.00
N GLY B 225 -0.30 33.08 24.54
CA GLY B 225 -1.07 32.27 25.44
C GLY B 225 -0.35 31.02 25.93
N LEU B 226 0.71 30.62 25.23
CA LEU B 226 1.40 29.37 25.56
C LEU B 226 2.80 29.55 26.10
N TYR B 227 3.39 30.73 25.91
CA TYR B 227 4.78 30.90 26.24
C TYR B 227 5.08 30.56 27.70
N GLY B 228 4.11 30.79 28.56
CA GLY B 228 4.29 30.48 29.97
C GLY B 228 4.69 29.03 30.20
N ARG B 229 4.41 28.18 29.22
CA ARG B 229 4.65 26.75 29.36
C ARG B 229 6.05 26.30 28.94
N VAL B 230 6.83 27.18 28.30
CA VAL B 230 8.15 26.78 27.81
C VAL B 230 9.20 26.97 28.88
N ARG B 231 10.31 26.26 28.75
CA ARG B 231 11.39 26.37 29.72
C ARG B 231 12.02 27.75 29.61
N LYS B 232 12.63 28.22 30.69
CA LYS B 232 13.31 29.50 30.69
C LYS B 232 14.37 29.60 29.60
N GLY B 233 14.25 30.60 28.74
CA GLY B 233 15.23 30.81 27.68
C GLY B 233 14.78 30.32 26.31
N ALA B 234 13.70 29.54 26.28
CA ALA B 234 13.24 28.90 25.06
C ALA B 234 12.52 29.87 24.12
N VAL B 235 12.56 29.54 22.83
CA VAL B 235 11.87 30.26 21.77
C VAL B 235 10.68 29.42 21.33
N LEU B 236 9.50 30.03 21.30
CA LEU B 236 8.27 29.35 20.85
C LEU B 236 7.89 29.86 19.46
N VAL B 237 7.60 28.93 18.56
CA VAL B 237 7.44 29.24 17.14
C VAL B 237 6.10 28.68 16.67
N CYS B 238 5.37 29.46 15.87
CA CYS B 238 4.09 29.02 15.32
C CYS B 238 3.82 29.58 13.93
N ALA B 239 3.64 28.67 12.96
CA ALA B 239 3.34 29.01 11.59
C ALA B 239 1.86 28.89 11.33
N TRP B 240 1.34 29.80 10.49
CA TRP B 240 -0.09 29.92 10.26
C TRP B 240 -0.31 30.04 8.76
N ALA B 241 0.39 29.19 8.02
CA ALA B 241 0.18 29.02 6.59
C ALA B 241 0.34 30.34 5.84
N GLU B 242 -0.76 30.83 5.27
CA GLU B 242 -0.79 32.05 4.46
C GLU B 242 -0.48 33.30 5.25
N GLU B 243 -0.67 33.24 6.57
CA GLU B 243 -0.44 34.41 7.42
C GLU B 243 0.98 34.55 7.91
N GLY B 244 1.90 33.77 7.33
CA GLY B 244 3.30 33.83 7.74
C GLY B 244 3.54 33.08 9.03
N ALA B 245 4.48 33.57 9.82
CA ALA B 245 4.90 32.86 11.02
C ALA B 245 5.41 33.81 12.09
N ASP B 246 5.19 33.44 13.35
CA ASP B 246 5.66 34.22 14.51
C ASP B 246 6.62 33.39 15.36
N ALA B 247 7.52 34.08 16.05
CA ALA B 247 8.28 33.44 17.12
C ALA B 247 8.31 34.39 18.31
N LEU B 248 8.54 33.82 19.48
CA LEU B 248 8.56 34.57 20.72
C LEU B 248 9.64 34.01 21.65
N GLY B 249 10.63 34.83 21.99
CA GLY B 249 11.69 34.40 22.87
C GLY B 249 11.67 35.08 24.23
N PRO B 250 12.71 34.84 25.04
CA PRO B 250 12.76 35.31 26.42
C PRO B 250 12.55 36.82 26.55
N ASP B 251 12.91 37.58 25.52
CA ASP B 251 12.78 39.02 25.63
C ASP B 251 11.37 39.55 25.35
N GLY B 252 10.40 38.64 25.21
CA GLY B 252 9.00 39.05 25.07
C GLY B 252 8.59 39.77 23.79
N LYS B 253 9.55 40.01 22.91
CA LYS B 253 9.24 40.61 21.62
C LYS B 253 8.69 39.59 20.61
N LEU B 254 7.40 39.72 20.28
CA LEU B 254 6.78 38.93 19.24
C LEU B 254 7.32 39.19 17.82
N LEU B 255 8.03 38.22 17.25
CA LEU B 255 8.57 38.38 15.90
C LEU B 255 7.64 37.79 14.84
N HIS B 256 7.74 38.27 13.61
CA HIS B 256 6.80 37.88 12.56
C HIS B 256 7.44 37.94 11.18
N SER B 257 7.06 37.00 10.32
CA SER B 257 7.38 37.11 8.91
C SER B 257 6.13 36.78 8.12
N ASP B 258 5.88 37.52 7.05
CA ASP B 258 4.79 37.19 6.17
C ASP B 258 5.14 35.95 5.39
N ALA B 259 4.11 35.24 4.94
CA ALA B 259 4.30 34.14 4.00
C ALA B 259 4.93 34.65 2.71
N PHE B 260 5.58 33.73 1.99
CA PHE B 260 6.06 33.98 0.62
C PHE B 260 5.35 33.03 -0.31
N PRO B 261 4.04 33.24 -0.50
CA PRO B 261 3.21 32.33 -1.30
C PRO B 261 3.79 32.18 -2.69
N PRO B 262 3.56 31.03 -3.33
CA PRO B 262 4.05 30.78 -4.69
C PRO B 262 3.02 31.17 -5.76
N PRO B 263 3.47 31.40 -7.01
CA PRO B 263 2.61 31.75 -8.14
C PRO B 263 1.28 30.98 -8.07
N ARG B 264 1.37 29.66 -7.96
CA ARG B 264 0.19 28.84 -7.74
C ARG B 264 0.50 27.73 -6.75
N VAL B 265 -0.47 27.40 -5.89
CA VAL B 265 -0.29 26.31 -4.94
C VAL B 265 -0.53 24.95 -5.58
N VAL B 266 0.47 24.09 -5.52
CA VAL B 266 0.39 22.78 -6.12
C VAL B 266 0.17 21.71 -5.06
N ASP B 267 1.04 21.72 -4.06
CA ASP B 267 1.17 20.63 -3.12
C ASP B 267 1.61 21.18 -1.76
N THR B 268 0.72 21.15 -0.77
CA THR B 268 1.09 21.68 0.54
C THR B 268 1.50 20.59 1.52
N LEU B 269 1.35 19.35 1.11
CA LEU B 269 1.76 18.23 1.95
C LEU B 269 3.23 18.37 2.36
N GLY B 270 3.47 18.46 3.66
CA GLY B 270 4.82 18.44 4.20
C GLY B 270 5.45 19.83 4.24
N ALA B 271 4.64 20.82 3.89
CA ALA B 271 5.07 22.21 3.89
C ALA B 271 5.51 22.63 5.28
N GLY B 272 4.76 22.19 6.29
CA GLY B 272 5.07 22.47 7.68
C GLY B 272 6.34 21.80 8.16
N ASP B 273 6.66 20.62 7.61
CA ASP B 273 7.90 19.94 7.99
C ASP B 273 9.05 20.66 7.30
N THR B 274 8.75 21.26 6.15
CA THR B 274 9.73 22.05 5.42
C THR B 274 10.11 23.31 6.21
N PHE B 275 9.09 23.97 6.78
CA PHE B 275 9.30 25.12 7.63
C PHE B 275 10.15 24.76 8.86
N ASN B 276 9.77 23.70 9.56
CA ASN B 276 10.49 23.30 10.76
C ASN B 276 11.96 23.04 10.48
N ALA B 277 12.26 22.33 9.39
CA ALA B 277 13.64 21.96 9.05
C ALA B 277 14.49 23.17 8.67
N SER B 278 13.85 24.10 7.97
CA SER B 278 14.53 25.30 7.52
C SER B 278 14.81 26.22 8.72
N VAL B 279 13.84 26.36 9.62
CA VAL B 279 14.09 27.15 10.81
C VAL B 279 15.26 26.54 11.60
N ILE B 280 15.18 25.24 11.83
CA ILE B 280 16.26 24.51 12.50
C ILE B 280 17.59 24.69 11.78
N PHE B 281 17.58 24.54 10.46
CA PHE B 281 18.83 24.67 9.71
C PHE B 281 19.45 26.06 9.87
N SER B 282 18.65 27.08 9.59
CA SER B 282 19.09 28.47 9.73
C SER B 282 19.70 28.75 11.12
N LEU B 283 18.97 28.42 12.18
CA LEU B 283 19.49 28.62 13.52
C LEU B 283 20.78 27.82 13.71
N SER B 284 20.84 26.59 13.21
CA SER B 284 22.04 25.79 13.43
C SER B 284 23.24 26.42 12.74
N GLN B 285 22.99 27.26 11.74
CA GLN B 285 24.03 28.05 11.09
C GLN B 285 24.33 29.37 11.84
N GLY B 286 23.77 29.53 13.03
CA GLY B 286 24.01 30.72 13.81
C GLY B 286 23.27 31.98 13.36
N ARG B 287 22.25 31.83 12.51
CA ARG B 287 21.42 32.96 12.12
C ARG B 287 20.52 33.34 13.28
N SER B 288 19.94 34.53 13.22
CA SER B 288 19.05 35.00 14.28
C SER B 288 17.66 34.41 14.11
N VAL B 289 16.89 34.44 15.19
CA VAL B 289 15.52 33.98 15.17
C VAL B 289 14.72 34.65 14.04
N GLN B 290 14.89 35.96 13.89
CA GLN B 290 14.15 36.70 12.86
C GLN B 290 14.50 36.19 11.48
N GLU B 291 15.80 36.05 11.22
CA GLU B 291 16.33 35.46 9.98
C GLU B 291 15.80 34.04 9.72
N ALA B 292 15.69 33.23 10.77
CA ALA B 292 15.20 31.86 10.62
C ALA B 292 13.71 31.76 10.29
N LEU B 293 12.88 32.60 10.93
CA LEU B 293 11.48 32.69 10.56
C LEU B 293 11.33 32.96 9.06
N ARG B 294 12.10 33.93 8.59
CA ARG B 294 11.95 34.42 7.22
C ARG B 294 12.32 33.31 6.24
N PHE B 295 13.53 32.79 6.42
CA PHE B 295 14.05 31.67 5.64
C PHE B 295 13.06 30.51 5.69
N GLY B 296 12.63 30.15 6.89
CA GLY B 296 11.60 29.14 7.03
C GLY B 296 10.41 29.39 6.12
N CYS B 297 9.88 30.60 6.18
CA CYS B 297 8.73 30.98 5.34
C CYS B 297 9.05 30.95 3.85
N GLN B 298 10.24 31.43 3.47
CA GLN B 298 10.64 31.40 2.06
C GLN B 298 10.69 29.97 1.51
N VAL B 299 11.39 29.08 2.22
CA VAL B 299 11.55 27.71 1.76
C VAL B 299 10.20 27.00 1.65
N ALA B 300 9.39 27.10 2.70
CA ALA B 300 8.08 26.48 2.72
C ALA B 300 7.13 27.03 1.67
N GLY B 301 7.30 28.30 1.30
CA GLY B 301 6.45 28.90 0.29
C GLY B 301 6.81 28.33 -1.06
N LYS B 302 8.10 28.20 -1.31
CA LYS B 302 8.59 27.51 -2.51
C LYS B 302 8.02 26.09 -2.59
N LYS B 303 8.13 25.35 -1.50
CA LYS B 303 7.68 23.95 -1.49
C LYS B 303 6.23 23.84 -1.94
N CYS B 304 5.39 24.78 -1.52
CA CYS B 304 3.96 24.72 -1.79
C CYS B 304 3.63 24.81 -3.26
N GLY B 305 4.53 25.43 -4.03
CA GLY B 305 4.37 25.51 -5.46
C GLY B 305 5.03 24.37 -6.23
N LEU B 306 5.55 23.38 -5.49
CA LEU B 306 6.18 22.24 -6.13
C LEU B 306 5.52 20.94 -5.73
N GLN B 307 5.62 19.96 -6.61
CA GLN B 307 5.22 18.60 -6.30
C GLN B 307 6.41 17.91 -5.58
N GLY B 308 6.21 17.52 -4.33
CA GLY B 308 7.25 16.89 -3.54
C GLY B 308 8.32 17.85 -3.08
N PHE B 309 9.55 17.36 -2.91
CA PHE B 309 10.61 18.20 -2.39
C PHE B 309 11.69 18.56 -3.42
N ASP B 310 11.60 17.96 -4.60
CA ASP B 310 12.50 18.30 -5.69
C ASP B 310 12.35 19.79 -6.04
N GLY B 311 13.45 20.52 -5.99
CA GLY B 311 13.45 21.90 -6.41
C GLY B 311 13.28 22.95 -5.33
N ILE B 312 13.18 22.54 -4.07
CA ILE B 312 13.11 23.54 -3.01
C ILE B 312 14.49 24.16 -2.87
N VAL B 313 15.47 23.43 -3.42
CA VAL B 313 16.90 23.77 -3.35
C VAL B 313 17.31 24.42 -2.04
#